data_3MDZ
#
_entry.id   3MDZ
#
_cell.length_a   69.710
_cell.length_b   97.746
_cell.length_c   82.443
_cell.angle_alpha   90.00
_cell.angle_beta   90.00
_cell.angle_gamma   90.00
#
_symmetry.space_group_name_H-M   'C 2 2 21'
#
loop_
_entity.id
_entity.type
_entity.pdbx_description
1 polymer 'Carbonic anhydrase 7'
2 non-polymer 'ZINC ION'
3 non-polymer 6-ethoxy-1,3-benzothiazole-2-sulfonamide
4 non-polymer GLYCEROL
5 water water
#
_entity_poly.entity_id   1
_entity_poly.type   'polypeptide(L)'
_entity_poly.pdbx_seq_one_letter_code
;MHHHHHHSSGVDLGTENLYFQSMHGWGYGQDDGPSHWHKLYPIAQGDRQSPINIISSQAVYSPSLQPLELSYEACMSLSI
TNNGHSVQVDFNDSDDRTVVTGGPLEGPYRLKQFHFHWGKKHDVGSEHTVDGKSFPSELHLVHWNAKKYSTFGEAASAPD
GLAVVGVFLETGDEHPSMNRLTDALYMVRFKGTKAQFSCFNPKCLLPASRHYWTYPGSLTTPPLSESVTWIVLREPICIS
ERQMGKFRSLLFTSEDDERIHMVNNFRPPQPLKGRVVKASF
;
_entity_poly.pdbx_strand_id   A
#
# COMPACT_ATOMS: atom_id res chain seq x y z
N MET A 23 -1.46 -15.25 21.00
CA MET A 23 -2.68 -14.97 20.16
C MET A 23 -2.76 -16.07 19.05
N HIS A 24 -3.89 -16.23 18.36
CA HIS A 24 -4.00 -17.31 17.36
C HIS A 24 -3.91 -16.87 15.89
N GLY A 25 -3.98 -15.56 15.67
CA GLY A 25 -3.97 -15.00 14.34
C GLY A 25 -3.81 -13.50 14.45
N TRP A 26 -3.67 -12.82 13.32
CA TRP A 26 -3.66 -11.36 13.35
C TRP A 26 -4.77 -10.82 12.45
N GLY A 27 -5.22 -9.62 12.75
CA GLY A 27 -6.23 -8.99 11.93
C GLY A 27 -6.48 -7.57 12.35
N TYR A 28 -7.72 -7.12 12.21
CA TYR A 28 -8.07 -5.75 12.50
C TYR A 28 -9.22 -5.65 13.47
N GLY A 29 -9.54 -6.75 14.15
CA GLY A 29 -10.63 -6.75 15.10
C GLY A 29 -10.18 -6.23 16.45
N GLN A 30 -11.10 -6.22 17.41
CA GLN A 30 -10.81 -5.82 18.79
C GLN A 30 -9.62 -6.59 19.38
N ASP A 31 -9.73 -7.92 19.37
CA ASP A 31 -8.73 -8.79 20.01
C ASP A 31 -7.51 -9.20 19.17
N ASP A 32 -7.55 -9.04 17.86
CA ASP A 32 -6.43 -9.47 17.03
C ASP A 32 -5.79 -8.30 16.27
N GLY A 33 -6.18 -7.08 16.64
CA GLY A 33 -5.88 -5.87 15.86
C GLY A 33 -4.52 -5.26 16.14
N PRO A 34 -4.22 -4.14 15.46
CA PRO A 34 -2.91 -3.51 15.52
C PRO A 34 -2.35 -3.30 16.93
N SER A 35 -3.21 -2.98 17.88
CA SER A 35 -2.75 -2.81 19.25
C SER A 35 -2.23 -4.10 19.91
N HIS A 36 -2.53 -5.25 19.32
CA HIS A 36 -2.11 -6.50 19.88
C HIS A 36 -1.07 -7.26 19.08
N TRP A 37 -0.73 -6.72 17.91
CA TRP A 37 0.16 -7.40 17.01
C TRP A 37 1.48 -7.71 17.70
N HIS A 38 1.94 -6.81 18.60
CA HIS A 38 3.23 -6.97 19.30
C HIS A 38 3.34 -8.26 20.08
N LYS A 39 2.21 -8.92 20.39
CA LYS A 39 2.23 -10.18 21.13
C LYS A 39 2.86 -11.32 20.30
N LEU A 40 2.67 -11.27 18.97
CA LEU A 40 3.26 -12.24 18.05
C LEU A 40 4.42 -11.65 17.27
N TYR A 41 4.44 -10.33 17.12
CA TYR A 41 5.40 -9.65 16.28
C TYR A 41 6.08 -8.54 17.10
N PRO A 42 7.08 -8.91 17.91
CA PRO A 42 7.71 -7.89 18.76
C PRO A 42 8.35 -6.72 17.98
N ILE A 43 8.73 -6.86 16.72
CA ILE A 43 9.28 -5.71 16.00
C ILE A 43 8.20 -4.61 15.91
N ALA A 44 6.93 -4.95 16.14
CA ALA A 44 5.81 -3.99 16.13
C ALA A 44 6.14 -2.74 16.91
N GLN A 45 6.96 -2.88 17.96
CA GLN A 45 7.43 -1.82 18.83
C GLN A 45 8.85 -1.39 18.53
N GLY A 46 9.28 -1.57 17.28
CA GLY A 46 10.63 -1.19 16.87
C GLY A 46 10.75 0.28 16.53
N ASP A 47 11.88 0.67 15.97
CA ASP A 47 12.22 2.07 15.74
C ASP A 47 12.04 2.55 14.27
N ARG A 48 11.74 1.66 13.35
CA ARG A 48 11.49 2.03 11.94
C ARG A 48 10.11 1.53 11.47
N GLN A 49 9.06 1.79 12.24
CA GLN A 49 7.74 1.26 11.95
C GLN A 49 6.89 2.27 11.15
N SER A 50 6.08 1.74 10.23
CA SER A 50 5.21 2.48 9.36
C SER A 50 3.78 2.07 9.63
N PRO A 51 2.80 2.91 9.31
CA PRO A 51 2.91 4.18 8.70
C PRO A 51 3.19 5.24 9.76
N ILE A 52 3.31 6.49 9.33
CA ILE A 52 3.61 7.62 10.26
C ILE A 52 2.68 8.74 9.93
N ASN A 53 2.62 9.73 10.80
CA ASN A 53 2.02 11.01 10.45
C ASN A 53 3.09 11.93 9.82
N ILE A 54 2.86 12.36 8.60
CA ILE A 54 3.78 13.23 7.90
C ILE A 54 3.47 14.68 8.24
N ILE A 55 4.31 15.30 9.07
CA ILE A 55 4.22 16.72 9.35
C ILE A 55 4.88 17.49 8.20
N SER A 56 4.05 18.03 7.32
CA SER A 56 4.49 18.69 6.07
C SER A 56 5.62 19.74 6.24
N SER A 57 5.60 20.47 7.36
CA SER A 57 6.52 21.56 7.61
C SER A 57 7.78 21.11 8.36
N GLN A 58 7.87 19.82 8.70
CA GLN A 58 9.07 19.29 9.32
C GLN A 58 9.78 18.29 8.42
N ALA A 59 9.23 18.10 7.23
CA ALA A 59 9.90 17.39 6.16
C ALA A 59 11.12 18.22 5.75
N VAL A 60 12.23 17.52 5.51
CA VAL A 60 13.44 18.16 5.05
C VAL A 60 13.45 18.15 3.52
N TYR A 61 13.51 19.34 2.91
CA TYR A 61 13.64 19.41 1.48
C TYR A 61 14.95 18.62 1.15
N SER A 62 14.87 17.88 0.02
CA SER A 62 16.02 17.14 -0.50
C SER A 62 16.18 17.25 -2.02
N PRO A 63 16.84 18.33 -2.50
CA PRO A 63 16.98 18.57 -3.94
C PRO A 63 17.95 17.58 -4.59
N SER A 64 18.78 16.96 -3.76
CA SER A 64 19.72 15.93 -4.16
C SER A 64 19.02 14.67 -4.73
N LEU A 65 17.73 14.49 -4.44
CA LEU A 65 16.98 13.33 -4.94
C LEU A 65 16.89 13.32 -6.45
N GLN A 66 17.06 12.15 -7.04
CA GLN A 66 16.85 11.95 -8.48
C GLN A 66 15.33 11.98 -8.75
N PRO A 67 14.92 12.17 -10.02
CA PRO A 67 13.49 12.17 -10.32
C PRO A 67 12.83 10.80 -10.31
N LEU A 68 11.62 10.75 -9.77
CA LEU A 68 10.90 9.50 -9.50
C LEU A 68 10.20 8.99 -10.73
N GLU A 69 10.63 7.81 -11.19
CA GLU A 69 10.15 7.22 -12.42
C GLU A 69 9.44 5.89 -12.19
N LEU A 70 8.11 5.95 -12.16
CA LEU A 70 7.25 4.77 -12.23
C LEU A 70 7.13 4.34 -13.69
N SER A 71 7.99 3.38 -14.06
CA SER A 71 8.12 2.91 -15.43
C SER A 71 7.25 1.67 -15.65
N TYR A 72 5.98 1.87 -15.93
CA TYR A 72 5.01 0.78 -15.99
C TYR A 72 4.48 0.42 -17.41
N GLU A 73 5.20 0.74 -18.48
CA GLU A 73 4.60 0.57 -19.84
C GLU A 73 4.19 -0.88 -20.17
N ALA A 74 4.98 -1.85 -19.71
CA ALA A 74 4.72 -3.28 -19.97
C ALA A 74 4.25 -4.05 -18.71
N CYS A 75 3.81 -3.35 -17.67
CA CYS A 75 3.16 -4.01 -16.57
C CYS A 75 2.15 -5.02 -17.10
N MET A 76 2.38 -6.31 -16.80
CA MET A 76 1.50 -7.43 -17.18
C MET A 76 0.85 -8.10 -15.95
N SER A 77 -0.41 -7.74 -15.70
CA SER A 77 -1.16 -8.21 -14.50
C SER A 77 -1.58 -9.67 -14.66
N LEU A 78 -1.74 -10.35 -13.53
CA LEU A 78 -1.97 -11.78 -13.51
C LEU A 78 -3.17 -12.26 -12.69
N SER A 79 -3.56 -11.54 -11.67
CA SER A 79 -4.62 -12.03 -10.76
C SER A 79 -5.05 -10.94 -9.80
N ILE A 80 -6.24 -11.12 -9.27
CA ILE A 80 -6.78 -10.26 -8.24
C ILE A 80 -7.26 -11.25 -7.20
N THR A 81 -7.12 -10.88 -5.92
CA THR A 81 -7.26 -11.79 -4.82
C THR A 81 -7.67 -11.05 -3.55
N ASN A 82 -8.69 -11.58 -2.85
CA ASN A 82 -9.03 -11.19 -1.49
C ASN A 82 -8.36 -12.19 -0.59
N ASN A 83 -7.50 -11.70 0.31
CA ASN A 83 -6.72 -12.50 1.28
C ASN A 83 -7.16 -12.29 2.77
N GLY A 84 -8.30 -11.66 3.00
CA GLY A 84 -8.83 -11.46 4.34
C GLY A 84 -8.39 -10.16 4.97
N HIS A 85 -7.40 -9.49 4.38
CA HIS A 85 -6.84 -8.25 4.90
CA HIS A 85 -6.97 -8.21 4.91
C HIS A 85 -6.98 -7.10 3.86
N SER A 86 -6.91 -7.46 2.55
CA SER A 86 -7.07 -6.49 1.45
C SER A 86 -7.44 -7.15 0.11
N VAL A 87 -7.70 -6.32 -0.89
CA VAL A 87 -7.81 -6.82 -2.24
C VAL A 87 -6.45 -6.46 -2.84
N GLN A 88 -5.95 -7.35 -3.72
CA GLN A 88 -4.57 -7.29 -4.16
C GLN A 88 -4.44 -7.83 -5.58
N VAL A 89 -3.67 -7.12 -6.40
CA VAL A 89 -3.41 -7.52 -7.76
C VAL A 89 -1.91 -7.79 -7.92
N ASP A 90 -1.58 -8.93 -8.54
CA ASP A 90 -0.18 -9.34 -8.77
C ASP A 90 0.26 -9.12 -10.20
N PHE A 91 1.58 -8.96 -10.32
CA PHE A 91 2.23 -8.74 -11.60
C PHE A 91 3.37 -9.74 -11.85
N ASN A 92 3.52 -10.16 -13.10
CA ASN A 92 4.77 -10.83 -13.52
C ASN A 92 5.97 -9.90 -13.23
N ASP A 93 7.05 -10.51 -12.74
CA ASP A 93 8.27 -9.79 -12.36
C ASP A 93 9.49 -10.68 -12.67
N SER A 94 9.47 -11.23 -13.89
CA SER A 94 10.55 -12.07 -14.42
C SER A 94 11.65 -11.23 -15.00
N ASP A 95 11.26 -10.08 -15.55
CA ASP A 95 12.18 -9.16 -16.17
C ASP A 95 12.19 -7.93 -15.29
N ASP A 96 13.13 -7.02 -15.57
CA ASP A 96 13.09 -5.65 -15.05
C ASP A 96 12.22 -4.77 -15.96
N ARG A 97 11.12 -5.33 -16.49
CA ARG A 97 10.21 -4.59 -17.34
C ARG A 97 9.51 -3.48 -16.54
N THR A 98 8.73 -3.89 -15.55
CA THR A 98 7.98 -2.92 -14.73
C THR A 98 8.76 -2.54 -13.47
N VAL A 99 9.33 -1.35 -13.45
CA VAL A 99 10.21 -0.94 -12.35
C VAL A 99 9.94 0.48 -11.82
N VAL A 100 10.27 0.72 -10.53
CA VAL A 100 10.43 2.10 -9.99
C VAL A 100 11.91 2.37 -9.89
N THR A 101 12.33 3.57 -10.24
CA THR A 101 13.75 3.94 -10.18
C THR A 101 13.82 5.40 -9.81
N GLY A 102 15.02 5.86 -9.48
CA GLY A 102 15.22 7.26 -9.11
C GLY A 102 14.60 7.47 -7.73
N GLY A 103 14.16 8.71 -7.46
CA GLY A 103 13.84 9.08 -6.09
C GLY A 103 15.05 8.88 -5.20
N PRO A 104 14.85 8.32 -3.99
CA PRO A 104 15.95 7.95 -3.07
C PRO A 104 16.52 6.54 -3.33
N LEU A 105 15.97 5.84 -4.32
CA LEU A 105 16.39 4.50 -4.71
C LEU A 105 17.76 4.49 -5.42
N GLU A 106 18.67 3.66 -4.91
CA GLU A 106 20.00 3.56 -5.47
C GLU A 106 19.98 2.68 -6.71
N GLY A 107 18.80 2.22 -7.12
CA GLY A 107 18.66 1.47 -8.36
C GLY A 107 17.22 1.06 -8.54
N PRO A 108 16.93 0.22 -9.56
CA PRO A 108 15.57 -0.18 -9.92
C PRO A 108 14.94 -1.27 -9.04
N TYR A 109 13.63 -1.19 -8.88
CA TYR A 109 12.88 -2.16 -8.11
C TYR A 109 11.72 -2.69 -8.94
N ARG A 110 11.59 -4.00 -8.93
CA ARG A 110 10.61 -4.72 -9.72
C ARG A 110 9.25 -4.69 -8.99
N LEU A 111 8.21 -4.24 -9.68
CA LEU A 111 6.86 -4.19 -9.13
C LEU A 111 6.34 -5.59 -8.93
N LYS A 112 5.82 -5.84 -7.74
CA LYS A 112 5.26 -7.14 -7.39
C LYS A 112 3.70 -7.17 -7.38
N GLN A 113 3.12 -6.18 -6.70
CA GLN A 113 1.70 -6.16 -6.45
C GLN A 113 1.21 -4.77 -6.01
N PHE A 114 -0.09 -4.53 -6.13
CA PHE A 114 -0.68 -3.42 -5.40
C PHE A 114 -1.89 -3.87 -4.54
N HIS A 115 -2.21 -3.08 -3.53
CA HIS A 115 -3.36 -3.38 -2.66
C HIS A 115 -3.86 -2.07 -2.07
N PHE A 116 -5.04 -2.12 -1.45
CA PHE A 116 -5.59 -0.92 -0.85
C PHE A 116 -5.84 -1.08 0.65
N HIS A 117 -5.87 0.05 1.35
CA HIS A 117 -6.41 0.20 2.72
C HIS A 117 -7.55 1.26 2.78
N TRP A 118 -8.61 0.98 3.52
CA TRP A 118 -9.75 1.91 3.57
C TRP A 118 -10.58 1.85 4.86
N GLY A 119 -11.50 2.80 5.01
CA GLY A 119 -12.28 2.99 6.25
C GLY A 119 -13.76 2.66 6.20
N LYS A 120 -14.40 2.67 7.37
CA LYS A 120 -15.86 2.59 7.46
C LYS A 120 -16.46 3.79 6.72
N LYS A 121 -15.95 4.97 7.08
CA LYS A 121 -16.52 6.26 6.67
C LYS A 121 -15.49 7.05 5.88
N HIS A 122 -15.97 8.14 5.29
CA HIS A 122 -15.09 9.06 4.55
C HIS A 122 -13.92 9.52 5.40
N ASP A 123 -14.15 9.73 6.69
CA ASP A 123 -13.17 10.37 7.60
C ASP A 123 -11.85 9.59 7.80
N VAL A 124 -11.90 8.25 7.72
CA VAL A 124 -10.75 7.41 8.01
C VAL A 124 -10.48 6.45 6.85
N GLY A 125 -9.29 5.85 6.84
CA GLY A 125 -9.00 4.71 5.95
C GLY A 125 -7.57 4.60 5.51
N SER A 126 -6.92 5.74 5.36
CA SER A 126 -5.53 5.72 4.91
C SER A 126 -4.57 5.36 6.08
N GLU A 127 -3.38 4.88 5.76
CA GLU A 127 -2.41 4.47 6.80
C GLU A 127 -1.59 5.67 7.25
N HIS A 128 -0.93 6.33 6.30
CA HIS A 128 -0.22 7.58 6.58
C HIS A 128 -1.23 8.72 6.75
N THR A 129 -0.91 9.70 7.58
CA THR A 129 -1.73 10.87 7.73
C THR A 129 -0.86 12.05 7.39
N VAL A 130 -1.44 13.14 6.86
CA VAL A 130 -0.63 14.33 6.60
C VAL A 130 -1.11 15.43 7.55
N ASP A 131 -0.19 15.94 8.38
CA ASP A 131 -0.57 16.93 9.35
C ASP A 131 -1.87 16.57 10.04
N GLY A 132 -1.94 15.34 10.55
CA GLY A 132 -3.08 14.88 11.32
C GLY A 132 -4.30 14.44 10.54
N LYS A 133 -4.29 14.58 9.21
CA LYS A 133 -5.44 14.33 8.37
C LYS A 133 -5.38 13.01 7.62
N SER A 134 -6.45 12.23 7.73
CA SER A 134 -6.61 10.97 7.00
C SER A 134 -7.37 11.15 5.72
N PHE A 135 -7.21 10.21 4.80
CA PHE A 135 -7.96 10.17 3.56
C PHE A 135 -8.83 8.94 3.60
N PRO A 136 -9.82 8.85 2.70
CA PRO A 136 -10.65 7.65 2.80
C PRO A 136 -9.98 6.34 2.32
N SER A 137 -8.87 6.42 1.63
CA SER A 137 -8.21 5.19 1.26
C SER A 137 -6.78 5.49 0.92
N GLU A 138 -5.97 4.44 0.85
CA GLU A 138 -4.58 4.57 0.42
C GLU A 138 -4.21 3.31 -0.36
N LEU A 139 -3.60 3.51 -1.53
CA LEU A 139 -3.13 2.46 -2.43
C LEU A 139 -1.65 2.23 -2.13
N HIS A 140 -1.20 0.98 -2.17
CA HIS A 140 0.23 0.70 -1.99
C HIS A 140 0.78 -0.12 -3.16
N LEU A 141 1.67 0.44 -3.97
CA LEU A 141 2.36 -0.31 -5.04
C LEU A 141 3.72 -0.86 -4.53
N VAL A 142 3.80 -2.18 -4.40
CA VAL A 142 4.90 -2.83 -3.71
C VAL A 142 5.96 -3.33 -4.69
N HIS A 143 7.16 -2.75 -4.59
CA HIS A 143 8.26 -3.15 -5.46
C HIS A 143 9.40 -3.76 -4.61
N TRP A 144 10.18 -4.61 -5.27
CA TRP A 144 11.32 -5.22 -4.62
C TRP A 144 12.65 -5.12 -5.37
N ASN A 145 13.73 -5.21 -4.60
CA ASN A 145 15.09 -5.05 -5.10
C ASN A 145 15.66 -6.38 -5.62
N ALA A 146 15.40 -6.66 -6.90
CA ALA A 146 15.77 -7.93 -7.53
C ALA A 146 17.21 -7.94 -7.98
N LYS A 147 17.83 -6.77 -7.94
CA LYS A 147 19.26 -6.63 -8.17
C LYS A 147 20.06 -7.25 -7.02
N LYS A 148 19.67 -6.96 -5.78
CA LYS A 148 20.39 -7.45 -4.62
C LYS A 148 19.89 -8.84 -4.24
N TYR A 149 18.59 -9.00 -4.20
CA TYR A 149 17.98 -10.21 -3.70
C TYR A 149 17.39 -11.09 -4.83
N SER A 150 17.25 -12.37 -4.51
CA SER A 150 16.96 -13.39 -5.49
C SER A 150 15.46 -13.63 -5.63
N THR A 151 14.71 -13.30 -4.58
CA THR A 151 13.26 -13.44 -4.62
C THR A 151 12.57 -12.40 -3.75
N PHE A 152 11.27 -12.27 -3.98
CA PHE A 152 10.49 -11.23 -3.34
C PHE A 152 10.32 -11.49 -1.84
N GLY A 153 10.09 -12.73 -1.46
CA GLY A 153 9.99 -13.04 -0.02
C GLY A 153 11.29 -12.77 0.75
N GLU A 154 12.42 -13.02 0.10
CA GLU A 154 13.68 -12.63 0.66
C GLU A 154 13.77 -11.13 0.81
N ALA A 155 13.58 -10.41 -0.29
CA ALA A 155 13.66 -8.96 -0.26
C ALA A 155 12.70 -8.37 0.78
N ALA A 156 11.56 -9.02 0.98
CA ALA A 156 10.48 -8.48 1.81
C ALA A 156 10.87 -8.34 3.32
N SER A 157 11.91 -9.01 3.78
CA SER A 157 12.33 -8.84 5.15
C SER A 157 13.79 -8.40 5.28
N ALA A 158 14.42 -8.06 4.18
CA ALA A 158 15.81 -7.61 4.20
C ALA A 158 15.92 -6.07 4.19
N PRO A 159 17.02 -5.53 4.74
CA PRO A 159 17.19 -4.09 4.63
C PRO A 159 17.33 -3.63 3.15
N ASP A 160 16.71 -2.51 2.84
CA ASP A 160 16.64 -2.03 1.48
C ASP A 160 16.13 -3.11 0.51
N GLY A 161 15.20 -3.93 0.99
CA GLY A 161 14.59 -4.95 0.16
C GLY A 161 13.39 -4.43 -0.62
N LEU A 162 12.66 -3.47 -0.05
CA LEU A 162 11.45 -2.97 -0.73
C LEU A 162 11.32 -1.49 -0.87
N ALA A 163 10.57 -1.11 -1.90
CA ALA A 163 10.23 0.30 -2.16
C ALA A 163 8.73 0.27 -2.36
N VAL A 164 8.01 0.98 -1.48
CA VAL A 164 6.56 0.98 -1.55
C VAL A 164 6.14 2.37 -1.91
N VAL A 165 5.31 2.48 -2.92
CA VAL A 165 4.79 3.77 -3.30
C VAL A 165 3.34 3.82 -2.89
N GLY A 166 2.98 4.87 -2.18
CA GLY A 166 1.65 5.02 -1.69
C GLY A 166 0.99 6.22 -2.31
N VAL A 167 -0.32 6.10 -2.46
CA VAL A 167 -1.12 7.10 -3.15
C VAL A 167 -2.41 7.21 -2.37
N PHE A 168 -2.76 8.41 -1.95
CA PHE A 168 -4.04 8.59 -1.29
C PHE A 168 -5.17 8.67 -2.31
N LEU A 169 -6.39 8.47 -1.82
CA LEU A 169 -7.60 8.58 -2.60
C LEU A 169 -8.58 9.46 -1.84
N GLU A 170 -9.07 10.51 -2.50
CA GLU A 170 -10.20 11.32 -2.01
C GLU A 170 -11.46 10.85 -2.70
N THR A 171 -12.59 11.31 -2.20
CA THR A 171 -13.87 11.10 -2.86
C THR A 171 -14.20 12.35 -3.65
N GLY A 172 -14.69 12.15 -4.88
CA GLY A 172 -15.06 13.27 -5.78
C GLY A 172 -15.90 12.83 -7.02
N ASP A 173 -15.32 13.13 -8.22
CA ASP A 173 -15.98 12.68 -9.45
C ASP A 173 -15.52 11.25 -9.75
N GLU A 174 -16.02 10.63 -10.82
CA GLU A 174 -15.69 9.23 -11.16
C GLU A 174 -14.26 9.09 -11.72
N HIS A 175 -13.72 7.86 -11.69
CA HIS A 175 -12.44 7.52 -12.33
C HIS A 175 -12.66 6.35 -13.30
N PRO A 176 -12.60 6.58 -14.63
CA PRO A 176 -12.97 5.54 -15.62
C PRO A 176 -12.11 4.28 -15.60
N SER A 177 -10.79 4.44 -15.73
CA SER A 177 -9.85 3.31 -15.72
C SER A 177 -10.05 2.37 -14.54
N MET A 178 -10.54 2.95 -13.44
CA MET A 178 -10.79 2.23 -12.19
C MET A 178 -12.24 1.72 -12.03
N ASN A 179 -12.85 1.30 -13.13
CA ASN A 179 -14.09 0.52 -13.06
C ASN A 179 -13.75 -0.95 -13.33
N ARG A 180 -12.79 -1.19 -14.21
CA ARG A 180 -12.33 -2.54 -14.51
C ARG A 180 -11.88 -3.25 -13.23
N LEU A 181 -11.14 -2.52 -12.40
CA LEU A 181 -10.80 -2.99 -11.07
C LEU A 181 -12.06 -3.17 -10.21
N THR A 182 -12.77 -2.07 -9.97
CA THR A 182 -13.86 -2.00 -8.98
C THR A 182 -15.05 -2.94 -9.22
N ASP A 183 -15.33 -3.30 -10.47
CA ASP A 183 -16.41 -4.26 -10.76
C ASP A 183 -15.98 -5.70 -10.54
N ALA A 184 -14.66 -5.94 -10.60
CA ALA A 184 -14.11 -7.27 -10.31
C ALA A 184 -14.23 -7.61 -8.82
N LEU A 185 -14.38 -6.60 -7.97
CA LEU A 185 -14.51 -6.81 -6.53
C LEU A 185 -15.66 -7.69 -6.14
N TYR A 186 -16.69 -7.80 -6.97
CA TYR A 186 -17.78 -8.73 -6.74
C TYR A 186 -17.30 -10.20 -6.82
N MET A 187 -16.36 -10.49 -7.72
CA MET A 187 -15.91 -11.88 -7.93
C MET A 187 -15.12 -12.40 -6.72
N VAL A 188 -14.40 -11.50 -6.04
CA VAL A 188 -13.48 -11.86 -5.00
C VAL A 188 -13.91 -11.29 -3.63
N ARG A 189 -15.18 -11.48 -3.28
CA ARG A 189 -15.76 -10.82 -2.10
C ARG A 189 -15.57 -11.58 -0.79
N PHE A 190 -15.43 -12.90 -0.89
CA PHE A 190 -15.07 -13.70 0.26
C PHE A 190 -13.57 -13.84 0.36
N LYS A 191 -13.04 -13.83 1.59
CA LYS A 191 -11.64 -14.20 1.85
C LYS A 191 -11.28 -15.52 1.19
N GLY A 192 -10.17 -15.55 0.46
CA GLY A 192 -9.61 -16.78 -0.06
C GLY A 192 -9.86 -16.92 -1.53
N THR A 193 -10.67 -16.04 -2.11
CA THR A 193 -11.04 -16.15 -3.52
C THR A 193 -10.09 -15.33 -4.41
N LYS A 194 -9.65 -15.96 -5.49
CA LYS A 194 -8.69 -15.43 -6.46
C LYS A 194 -9.28 -15.55 -7.87
N ALA A 195 -9.14 -14.50 -8.66
CA ALA A 195 -9.63 -14.47 -10.04
C ALA A 195 -8.58 -13.91 -11.00
N GLN A 196 -8.47 -14.50 -12.19
CA GLN A 196 -7.63 -13.97 -13.28
C GLN A 196 -7.90 -12.48 -13.47
N PHE A 197 -6.86 -11.70 -13.72
CA PHE A 197 -7.02 -10.25 -13.86
C PHE A 197 -5.96 -9.71 -14.81
N SER A 198 -6.12 -10.05 -16.08
CA SER A 198 -5.16 -9.74 -17.15
C SER A 198 -5.36 -8.32 -17.68
N CYS A 199 -4.25 -7.68 -18.05
CA CYS A 199 -4.24 -6.40 -18.79
C CYS A 199 -4.64 -5.15 -18.00
N PHE A 200 -4.50 -5.17 -16.68
CA PHE A 200 -4.67 -3.95 -15.91
C PHE A 200 -3.33 -3.28 -15.68
N ASN A 201 -3.10 -2.17 -16.36
CA ASN A 201 -1.94 -1.33 -16.15
C ASN A 201 -2.23 -0.32 -15.05
N PRO A 202 -1.40 -0.30 -13.99
CA PRO A 202 -1.68 0.61 -12.89
C PRO A 202 -1.18 2.03 -13.12
N LYS A 203 -0.67 2.32 -14.33
CA LYS A 203 -0.42 3.70 -14.74
C LYS A 203 -1.64 4.54 -14.41
N CYS A 204 -2.82 3.92 -14.56
CA CYS A 204 -4.09 4.64 -14.49
C CYS A 204 -4.53 4.90 -13.05
N LEU A 205 -3.72 4.51 -12.07
CA LEU A 205 -3.97 4.84 -10.67
C LEU A 205 -3.00 5.93 -10.12
N LEU A 206 -2.13 6.46 -10.97
CA LEU A 206 -1.14 7.47 -10.57
C LEU A 206 -1.60 8.89 -10.85
N PRO A 207 -1.35 9.82 -9.91
CA PRO A 207 -1.67 11.22 -10.12
C PRO A 207 -0.68 11.86 -11.07
N ALA A 208 -1.07 12.99 -11.67
CA ALA A 208 -0.18 13.74 -12.57
C ALA A 208 1.18 14.04 -11.92
N SER A 209 1.17 14.62 -10.71
CA SER A 209 2.40 15.02 -10.08
C SER A 209 3.19 13.82 -9.58
N ARG A 210 4.49 13.85 -9.81
CA ARG A 210 5.37 12.84 -9.21
C ARG A 210 6.12 13.41 -7.98
N HIS A 211 5.61 14.46 -7.34
CA HIS A 211 6.13 14.92 -6.04
C HIS A 211 5.80 13.92 -4.96
N TYR A 212 6.68 13.80 -3.96
CA TYR A 212 6.54 12.78 -2.94
C TYR A 212 7.30 13.10 -1.69
N TRP A 213 6.94 12.42 -0.59
CA TRP A 213 7.76 12.34 0.62
C TRP A 213 8.39 10.96 0.65
N THR A 214 9.50 10.83 1.36
CA THR A 214 10.17 9.56 1.51
C THR A 214 10.80 9.44 2.86
N TYR A 215 10.86 8.21 3.35
CA TYR A 215 11.46 7.91 4.66
C TYR A 215 11.65 6.38 4.77
N PRO A 216 12.55 5.92 5.65
CA PRO A 216 12.74 4.48 5.89
C PRO A 216 11.73 3.95 6.87
N GLY A 217 11.03 2.88 6.50
CA GLY A 217 10.12 2.26 7.43
C GLY A 217 9.91 0.77 7.25
N SER A 218 8.68 0.32 7.51
CA SER A 218 8.37 -1.09 7.58
C SER A 218 7.17 -1.50 6.73
N LEU A 219 6.97 -2.80 6.64
CA LEU A 219 5.69 -3.34 6.20
C LEU A 219 4.65 -2.89 7.26
N THR A 220 3.42 -2.60 6.81
CA THR A 220 2.33 -2.16 7.71
C THR A 220 1.46 -3.30 8.10
N THR A 221 1.73 -4.51 7.59
CA THR A 221 1.15 -5.70 8.16
C THR A 221 2.26 -6.70 8.49
N PRO A 222 1.97 -7.61 9.44
CA PRO A 222 2.89 -8.70 9.71
C PRO A 222 3.52 -9.28 8.45
N PRO A 223 4.82 -9.57 8.49
CA PRO A 223 5.64 -9.57 9.69
C PRO A 223 6.24 -8.22 10.14
N LEU A 224 5.77 -7.10 9.60
CA LEU A 224 6.21 -5.76 10.04
C LEU A 224 7.71 -5.47 9.90
N SER A 225 8.38 -6.20 8.99
CA SER A 225 9.81 -6.08 8.75
C SER A 225 10.21 -4.70 8.36
N GLU A 226 11.37 -4.28 8.86
CA GLU A 226 11.85 -2.91 8.68
C GLU A 226 12.68 -2.88 7.40
N SER A 227 12.02 -3.13 6.27
CA SER A 227 12.68 -3.37 5.01
C SER A 227 12.32 -2.37 3.92
N VAL A 228 11.60 -1.31 4.29
CA VAL A 228 10.86 -0.52 3.27
C VAL A 228 11.39 0.89 3.19
N THR A 229 11.72 1.32 1.99
CA THR A 229 11.85 2.72 1.66
C THR A 229 10.50 3.19 1.13
N TRP A 230 9.84 4.04 1.91
CA TRP A 230 8.50 4.52 1.59
C TRP A 230 8.56 5.74 0.72
N ILE A 231 7.74 5.77 -0.33
CA ILE A 231 7.62 6.93 -1.20
C ILE A 231 6.14 7.27 -1.26
N VAL A 232 5.73 8.32 -0.56
CA VAL A 232 4.32 8.68 -0.47
C VAL A 232 4.06 9.88 -1.38
N LEU A 233 3.19 9.71 -2.36
CA LEU A 233 2.89 10.81 -3.28
C LEU A 233 2.03 11.91 -2.63
N ARG A 234 2.39 13.15 -2.90
CA ARG A 234 1.68 14.36 -2.44
C ARG A 234 0.26 14.55 -2.96
N GLU A 235 0.07 14.20 -4.23
CA GLU A 235 -1.20 14.39 -4.92
C GLU A 235 -2.02 13.10 -4.85
N PRO A 236 -3.30 13.23 -4.47
CA PRO A 236 -4.19 12.07 -4.48
C PRO A 236 -4.86 11.87 -5.83
N ILE A 237 -5.47 10.71 -6.01
CA ILE A 237 -6.39 10.47 -7.10
C ILE A 237 -7.82 10.56 -6.53
N CYS A 238 -8.80 10.84 -7.40
CA CYS A 238 -10.20 10.88 -7.02
C CYS A 238 -10.86 9.61 -7.50
N ILE A 239 -11.75 9.09 -6.65
CA ILE A 239 -12.78 8.14 -7.04
C ILE A 239 -14.17 8.66 -6.53
N SER A 240 -15.24 8.04 -7.04
CA SER A 240 -16.59 8.37 -6.58
C SER A 240 -16.97 7.59 -5.31
N GLU A 241 -17.73 8.22 -4.42
CA GLU A 241 -18.36 7.54 -3.28
C GLU A 241 -18.87 6.15 -3.68
N ARG A 242 -19.37 6.07 -4.91
CA ARG A 242 -19.89 4.83 -5.47
C ARG A 242 -18.80 3.77 -5.64
N GLN A 243 -17.70 4.13 -6.28
CA GLN A 243 -16.56 3.20 -6.40
C GLN A 243 -16.00 2.84 -5.03
N MET A 244 -15.90 3.85 -4.17
CA MET A 244 -15.47 3.67 -2.80
C MET A 244 -16.35 2.62 -2.09
N GLY A 245 -17.64 2.68 -2.28
CA GLY A 245 -18.53 1.73 -1.65
C GLY A 245 -18.32 0.28 -2.02
N LYS A 246 -17.85 0.00 -3.24
CA LYS A 246 -17.64 -1.37 -3.68
C LYS A 246 -16.53 -2.01 -2.85
N PHE A 247 -15.52 -1.22 -2.48
CA PHE A 247 -14.50 -1.71 -1.55
C PHE A 247 -15.08 -2.16 -0.24
N ARG A 248 -16.04 -1.41 0.29
CA ARG A 248 -16.63 -1.75 1.58
C ARG A 248 -17.53 -2.98 1.50
N SER A 249 -17.86 -3.40 0.28
CA SER A 249 -18.65 -4.62 0.09
C SER A 249 -17.79 -5.88 0.00
N LEU A 250 -16.54 -5.80 0.44
CA LEU A 250 -15.69 -6.99 0.53
C LEU A 250 -15.79 -7.56 1.94
N LEU A 251 -15.54 -8.85 2.09
CA LEU A 251 -15.63 -9.44 3.42
C LEU A 251 -14.25 -9.88 3.86
N PHE A 252 -13.96 -9.64 5.14
CA PHE A 252 -12.84 -10.23 5.88
C PHE A 252 -12.92 -11.73 5.97
N THR A 253 -14.09 -12.30 5.75
CA THR A 253 -14.37 -13.65 6.16
C THR A 253 -14.68 -14.52 4.96
N SER A 254 -14.54 -15.82 5.15
CA SER A 254 -14.65 -16.78 4.06
C SER A 254 -16.11 -17.21 3.80
N GLU A 255 -16.32 -18.07 2.82
CA GLU A 255 -17.65 -18.47 2.38
C GLU A 255 -18.42 -19.20 3.49
N ASP A 256 -17.71 -19.94 4.36
CA ASP A 256 -18.40 -20.80 5.35
C ASP A 256 -18.43 -20.19 6.76
N ASP A 257 -18.23 -18.87 6.86
CA ASP A 257 -18.33 -18.18 8.15
C ASP A 257 -19.38 -17.08 8.12
N GLU A 258 -19.63 -16.49 9.28
CA GLU A 258 -20.49 -15.31 9.41
C GLU A 258 -19.84 -14.18 8.63
N ARG A 259 -20.67 -13.35 8.01
CA ARG A 259 -20.21 -12.31 7.09
C ARG A 259 -19.81 -11.04 7.86
N ILE A 260 -18.55 -10.62 7.73
CA ILE A 260 -18.05 -9.39 8.36
C ILE A 260 -17.29 -8.61 7.30
N HIS A 261 -17.84 -7.45 6.89
CA HIS A 261 -17.27 -6.67 5.78
C HIS A 261 -15.91 -6.06 6.13
N MET A 262 -15.10 -5.91 5.09
CA MET A 262 -13.75 -5.42 5.17
C MET A 262 -13.77 -3.90 5.15
N VAL A 263 -13.42 -3.31 6.28
CA VAL A 263 -13.36 -1.88 6.45
C VAL A 263 -12.38 -1.68 7.61
N ASN A 264 -11.82 -0.48 7.75
CA ASN A 264 -10.82 -0.22 8.79
C ASN A 264 -9.63 -1.21 8.86
N ASN A 265 -9.19 -1.64 7.69
CA ASN A 265 -8.05 -2.48 7.53
C ASN A 265 -6.78 -1.62 7.37
N PHE A 266 -6.49 -0.82 8.41
CA PHE A 266 -5.31 0.05 8.45
C PHE A 266 -4.66 0.09 9.84
N ARG A 267 -3.36 0.33 9.81
CA ARG A 267 -2.56 0.46 11.00
C ARG A 267 -2.45 1.92 11.29
N PRO A 268 -2.73 2.34 12.52
CA PRO A 268 -2.51 3.75 12.85
C PRO A 268 -1.05 4.18 12.68
N PRO A 269 -0.79 5.49 12.64
CA PRO A 269 0.55 5.98 12.59
C PRO A 269 1.40 5.52 13.77
N GLN A 270 2.70 5.41 13.54
CA GLN A 270 3.65 4.93 14.57
C GLN A 270 4.67 6.03 14.91
N PRO A 271 5.34 5.91 16.08
CA PRO A 271 6.31 6.93 16.40
C PRO A 271 7.44 7.03 15.40
N LEU A 272 7.94 8.24 15.20
CA LEU A 272 8.97 8.47 14.22
C LEU A 272 10.32 8.09 14.79
N LYS A 273 10.45 8.11 16.11
CA LYS A 273 11.73 7.85 16.79
C LYS A 273 12.94 8.37 16.00
N GLY A 274 12.85 9.64 15.60
CA GLY A 274 14.00 10.37 15.06
C GLY A 274 14.33 10.20 13.59
N ARG A 275 13.51 9.47 12.83
CA ARG A 275 13.73 9.36 11.39
C ARG A 275 13.53 10.70 10.68
N VAL A 276 14.18 10.83 9.53
CA VAL A 276 14.02 12.01 8.71
C VAL A 276 13.07 11.73 7.58
N VAL A 277 12.05 12.57 7.46
CA VAL A 277 11.16 12.55 6.29
C VAL A 277 11.64 13.60 5.29
N LYS A 278 12.06 13.12 4.12
CA LYS A 278 12.51 13.99 3.07
C LYS A 278 11.32 14.34 2.20
N ALA A 279 11.33 15.55 1.62
CA ALA A 279 10.28 16.01 0.71
C ALA A 279 10.98 16.37 -0.56
N SER A 280 10.38 16.08 -1.70
CA SER A 280 11.02 16.35 -2.99
C SER A 280 10.55 17.66 -3.64
N PHE A 281 9.89 18.52 -2.86
CA PHE A 281 9.24 19.75 -3.36
C PHE A 281 9.03 20.71 -2.18
#